data_4F0K
#
_entry.id   4F0K
#
_cell.length_a   136.136
_cell.length_b   136.136
_cell.length_c   121.287
_cell.angle_alpha   90.00
_cell.angle_beta   90.00
_cell.angle_gamma   90.00
#
_symmetry.space_group_name_H-M   'I 4 2 2'
#
loop_
_entity.id
_entity.type
_entity.pdbx_description
1 polymer 'Ribulose bisphosphate carboxylase large chain'
2 polymer 'Ribulose bisphosphate carboxylase small chain'
3 non-polymer 'MAGNESIUM ION'
4 non-polymer 'CARBON DIOXIDE'
5 non-polymer GLYCEROL
6 non-polymer 'CHLORIDE ION'
7 water water
#
loop_
_entity_poly.entity_id
_entity_poly.type
_entity_poly.pdbx_seq_one_letter_code
_entity_poly.pdbx_strand_id
1 'polypeptide(L)'
;MSQSLEEKSVQERTRIKNSRYESGVIPYAKMGYWNPDYQVKDTDVLALFRVTPQPGVDPIEAAAAVAGESSTATWTVVWT
DLLTAADLYRAKAYKVDQVPNNPEQYFAYIAYELDLFEEGSIANLTASIIGNVFGFKAVKALRLEDMRLPFAYIKTFQGP
ATGVILERERLDKFGRPLLG(SNC)TTKPKLGLSGKNYGRVVYEALKGGLDFVKDDENINSQPFMRWRERYLFVMEAVNK
AAAATGEVKGHYLNVTAATMEEMYARAQLAKELGSVIIMIDLVIGYTAIQTMAKWARDNDMILHLHRAGNSTYSRQKNHG
MNFRVICKWMRMAGVDHIHAGTVVGKLEGDPIITRGFYKTLLLPKLERNLQEGLFFDMDWASLRKVMPVASGGIHAGQMH
QLIHYLGEDVVLQFGGGTIGHPDGIQSGATANRVALEAMILARNENRDFLTEGPEILREAAKN(SNC)GALRTALDLWKD
ITFNYTSTDTSDFVETPTANI
;
A
2 'polypeptide(L)'
;MRITQGTFSFLPDLTDEQIKKQIDYMISKKLAIGIEYTNDIHPRNSFWEMWGLPLFEVTDPAPVLFEINACRKAKSNFYI
KVVGFSSERGIESTIISFIVNRPKHEPGFNLIRQEDKSRSIKYSIQAYETYKPEDQRY
;
B
#
# COMPACT_ATOMS: atom_id res chain seq x y z
N PRO A 27 -30.18 11.63 33.58
CA PRO A 27 -30.94 11.02 32.47
C PRO A 27 -30.43 11.49 31.09
N TYR A 28 -29.70 10.63 30.39
CA TYR A 28 -29.13 10.96 29.06
C TYR A 28 -30.08 10.79 27.89
N ALA A 29 -30.94 9.78 27.96
CA ALA A 29 -32.00 9.63 26.98
C ALA A 29 -32.97 10.84 27.04
N LYS A 30 -33.08 11.44 28.24
CA LYS A 30 -33.94 12.62 28.51
C LYS A 30 -33.42 13.98 27.93
N MET A 31 -32.10 14.14 27.88
CA MET A 31 -31.47 15.38 27.40
C MET A 31 -31.54 15.58 25.86
N GLY A 32 -32.07 14.59 25.15
CA GLY A 32 -32.14 14.66 23.68
C GLY A 32 -31.07 13.83 22.98
N TYR A 33 -30.06 13.40 23.74
CA TYR A 33 -28.93 12.66 23.17
C TYR A 33 -29.37 11.33 22.57
N TRP A 34 -30.49 10.80 23.05
CA TRP A 34 -31.06 9.62 22.41
C TRP A 34 -32.20 10.02 21.47
N ASN A 35 -32.12 9.60 20.21
CA ASN A 35 -33.17 9.94 19.26
C ASN A 35 -33.45 8.85 18.23
N PRO A 36 -34.28 7.90 18.62
CA PRO A 36 -34.57 6.78 17.75
C PRO A 36 -35.07 7.30 16.42
N ASP A 37 -35.63 8.48 16.37
CA ASP A 37 -36.18 8.95 15.12
C ASP A 37 -35.26 9.80 14.21
N TYR A 38 -34.09 10.18 14.71
CA TYR A 38 -33.20 11.05 13.94
C TYR A 38 -33.00 10.58 12.47
N GLN A 39 -33.12 11.49 11.51
CA GLN A 39 -32.83 11.13 10.11
C GLN A 39 -31.37 11.54 9.73
N VAL A 40 -30.59 10.55 9.33
CA VAL A 40 -29.19 10.75 9.03
C VAL A 40 -29.08 11.62 7.78
N LYS A 41 -28.27 12.68 7.81
CA LYS A 41 -28.06 13.54 6.64
C LYS A 41 -26.76 13.13 5.93
N ASP A 42 -26.68 13.40 4.63
CA ASP A 42 -25.51 13.11 3.83
C ASP A 42 -24.22 13.83 4.29
N THR A 43 -24.39 14.89 5.09
CA THR A 43 -23.27 15.64 5.60
C THR A 43 -22.87 15.19 7.04
N ASP A 44 -23.69 14.41 7.75
CA ASP A 44 -23.29 13.91 9.07
C ASP A 44 -22.03 13.04 9.06
N VAL A 45 -21.24 13.25 10.09
CA VAL A 45 -20.23 12.26 10.49
C VAL A 45 -20.87 11.18 11.43
N LEU A 46 -20.68 9.90 11.08
CA LEU A 46 -21.41 8.87 11.82
C LEU A 46 -20.34 7.98 12.43
N ALA A 47 -20.53 7.60 13.69
CA ALA A 47 -19.64 6.61 14.31
C ALA A 47 -20.45 5.44 14.84
N LEU A 48 -19.80 4.29 14.84
CA LEU A 48 -20.31 3.01 15.31
C LEU A 48 -19.38 2.50 16.41
N PHE A 49 -19.84 2.58 17.64
CA PHE A 49 -19.15 2.07 18.81
C PHE A 49 -19.71 0.70 19.21
N ARG A 50 -18.82 -0.15 19.70
CA ARG A 50 -19.17 -1.38 20.40
C ARG A 50 -19.13 -1.05 21.87
N VAL A 51 -20.30 -1.05 22.48
CA VAL A 51 -20.50 -0.54 23.84
C VAL A 51 -20.81 -1.67 24.82
N THR A 52 -20.20 -1.61 25.97
CA THR A 52 -20.54 -2.57 27.04
C THR A 52 -21.10 -1.85 28.26
N PRO A 53 -22.45 -1.84 28.38
CA PRO A 53 -23.10 -1.09 29.47
C PRO A 53 -22.60 -1.57 30.84
N GLN A 54 -22.32 -0.64 31.74
CA GLN A 54 -21.98 -1.05 33.10
C GLN A 54 -23.15 -1.85 33.63
N PRO A 55 -22.85 -2.91 34.41
CA PRO A 55 -23.87 -3.95 34.72
C PRO A 55 -25.20 -3.37 35.27
N GLY A 56 -26.32 -3.76 34.67
CA GLY A 56 -27.60 -3.14 34.99
C GLY A 56 -27.61 -1.64 34.67
N VAL A 57 -27.45 -1.31 33.39
CA VAL A 57 -27.73 0.01 32.82
C VAL A 57 -28.29 -0.24 31.44
N ASP A 58 -29.31 0.50 31.04
CA ASP A 58 -30.02 0.23 29.76
C ASP A 58 -29.11 0.48 28.51
N PRO A 59 -29.08 -0.46 27.55
CA PRO A 59 -28.28 -0.17 26.35
C PRO A 59 -28.58 1.24 25.80
N ILE A 60 -29.85 1.59 25.69
CA ILE A 60 -30.26 2.94 25.28
C ILE A 60 -29.68 4.09 26.14
N GLU A 61 -29.60 3.91 27.45
CA GLU A 61 -28.93 4.92 28.30
C GLU A 61 -27.43 4.97 28.02
N ALA A 62 -26.83 3.81 27.80
CA ALA A 62 -25.41 3.74 27.48
C ALA A 62 -25.12 4.47 26.14
N ALA A 63 -25.89 4.15 25.10
CA ALA A 63 -25.76 4.84 23.81
C ALA A 63 -25.71 6.36 24.06
N ALA A 64 -26.84 6.87 24.57
CA ALA A 64 -26.99 8.26 24.95
C ALA A 64 -25.78 8.86 25.72
N ALA A 65 -25.17 8.07 26.63
CA ALA A 65 -24.06 8.57 27.45
C ALA A 65 -22.80 8.91 26.61
N VAL A 66 -22.42 7.94 25.78
CA VAL A 66 -21.39 8.10 24.75
C VAL A 66 -21.64 9.31 23.82
N ALA A 67 -22.87 9.50 23.35
CA ALA A 67 -23.21 10.64 22.50
C ALA A 67 -23.16 11.90 23.34
N GLY A 68 -23.90 11.91 24.45
CA GLY A 68 -24.00 13.07 25.35
C GLY A 68 -22.69 13.60 25.89
N GLU A 69 -21.63 12.82 25.80
CA GLU A 69 -20.33 13.34 26.25
C GLU A 69 -19.29 13.61 25.15
N SER A 70 -19.36 12.92 24.01
CA SER A 70 -18.52 13.31 22.86
C SER A 70 -19.15 14.49 22.11
N SER A 71 -20.07 15.19 22.77
CA SER A 71 -20.73 16.36 22.17
C SER A 71 -20.84 17.54 23.14
N THR A 72 -20.97 17.27 24.44
CA THR A 72 -21.03 18.33 25.46
C THR A 72 -20.54 17.78 26.83
N ALA A 73 -19.95 18.65 27.66
CA ALA A 73 -19.52 18.22 29.00
C ALA A 73 -20.26 18.94 30.15
N THR A 74 -21.59 18.93 30.11
CA THR A 74 -22.40 19.71 31.06
C THR A 74 -23.33 18.89 31.95
N TRP A 75 -23.46 19.33 33.21
CA TRP A 75 -24.31 18.67 34.20
C TRP A 75 -24.97 19.66 35.21
N THR A 76 -25.72 20.64 34.70
CA THR A 76 -26.46 21.63 35.54
C THR A 76 -27.36 22.63 34.73
N VAL A 77 -27.80 23.74 35.35
CA VAL A 77 -28.59 24.76 34.61
C VAL A 77 -27.68 25.78 33.87
N VAL A 78 -27.26 25.44 32.63
CA VAL A 78 -26.31 26.26 31.85
C VAL A 78 -26.97 27.18 30.79
N TRP A 79 -27.24 28.43 31.17
CA TRP A 79 -27.96 29.42 30.34
C TRP A 79 -27.27 29.77 29.04
N THR A 80 -25.94 29.66 29.04
CA THR A 80 -25.13 30.08 27.92
C THR A 80 -25.35 29.24 26.62
N ASP A 81 -25.80 27.98 26.75
CA ASP A 81 -26.34 27.16 25.62
C ASP A 81 -27.41 27.89 24.81
N LEU A 82 -28.19 28.72 25.48
CA LEU A 82 -29.29 29.43 24.87
C LEU A 82 -28.84 30.58 23.97
N LEU A 83 -27.54 30.93 24.02
CA LEU A 83 -26.92 31.91 23.10
C LEU A 83 -26.39 31.28 21.78
N THR A 84 -26.66 29.99 21.61
CA THR A 84 -26.16 29.22 20.48
C THR A 84 -27.32 28.42 19.92
N ALA A 85 -27.15 27.86 18.71
CA ALA A 85 -28.17 26.95 18.18
C ALA A 85 -27.92 25.57 18.80
N ALA A 86 -28.15 25.45 20.12
CA ALA A 86 -27.62 24.30 20.92
C ALA A 86 -27.79 22.84 20.36
N ASP A 87 -28.94 22.54 19.81
CA ASP A 87 -29.21 21.24 19.22
C ASP A 87 -28.15 20.81 18.16
N LEU A 88 -27.68 21.79 17.36
CA LEU A 88 -26.72 21.56 16.30
C LEU A 88 -25.47 20.84 16.83
N TYR A 89 -25.02 21.25 18.02
CA TYR A 89 -23.79 20.76 18.67
C TYR A 89 -23.93 19.49 19.48
N ARG A 90 -25.14 18.93 19.55
CA ARG A 90 -25.39 17.69 20.30
C ARG A 90 -25.26 16.48 19.40
N ALA A 91 -24.47 15.47 19.81
CA ALA A 91 -24.33 14.24 19.03
C ALA A 91 -25.64 13.45 19.24
N LYS A 92 -26.07 12.70 18.26
CA LYS A 92 -27.32 12.01 18.40
C LYS A 92 -27.08 10.53 18.29
N ALA A 93 -27.23 9.83 19.42
CA ALA A 93 -27.36 8.38 19.40
C ALA A 93 -28.68 8.00 18.72
N TYR A 94 -28.62 7.34 17.59
CA TYR A 94 -29.82 7.20 16.84
C TYR A 94 -30.19 5.74 16.58
N LYS A 95 -29.35 4.77 16.98
CA LYS A 95 -29.71 3.40 16.70
C LYS A 95 -28.88 2.54 17.59
N VAL A 96 -29.52 1.56 18.23
CA VAL A 96 -28.79 0.55 19.02
C VAL A 96 -29.20 -0.88 18.70
N ASP A 97 -28.27 -1.66 18.12
CA ASP A 97 -28.45 -3.10 17.92
C ASP A 97 -27.65 -3.89 18.93
N GLN A 98 -28.10 -5.10 19.23
CA GLN A 98 -27.36 -5.92 20.16
C GLN A 98 -26.30 -6.70 19.38
N VAL A 99 -25.11 -6.80 19.94
CA VAL A 99 -24.05 -7.49 19.24
C VAL A 99 -24.46 -8.94 19.09
N PRO A 100 -24.42 -9.48 17.87
CA PRO A 100 -24.68 -10.89 17.61
C PRO A 100 -23.65 -11.76 18.31
N ASN A 101 -24.10 -12.73 19.10
CA ASN A 101 -23.19 -13.61 19.83
C ASN A 101 -22.61 -12.94 21.05
N ASN A 102 -23.33 -11.95 21.56
CA ASN A 102 -22.84 -11.25 22.72
C ASN A 102 -23.87 -10.40 23.43
N PRO A 103 -24.69 -11.05 24.27
CA PRO A 103 -25.79 -10.57 25.07
C PRO A 103 -25.64 -9.17 25.67
N GLU A 104 -24.42 -8.80 26.06
CA GLU A 104 -24.22 -7.60 26.89
C GLU A 104 -23.23 -6.58 26.25
N GLN A 105 -23.16 -6.66 24.93
CA GLN A 105 -22.43 -5.73 24.10
C GLN A 105 -23.44 -5.21 23.10
N TYR A 106 -23.39 -3.90 22.82
CA TYR A 106 -24.30 -3.34 21.84
C TYR A 106 -23.51 -2.50 20.85
N PHE A 107 -24.02 -2.48 19.64
CA PHE A 107 -23.60 -1.54 18.62
C PHE A 107 -24.42 -0.26 18.70
N ALA A 108 -23.76 0.86 19.04
CA ALA A 108 -24.37 2.20 19.02
C ALA A 108 -23.88 3.09 17.85
N TYR A 109 -24.84 3.67 17.13
CA TYR A 109 -24.57 4.48 15.98
C TYR A 109 -24.78 5.89 16.46
N ILE A 110 -23.81 6.76 16.21
CA ILE A 110 -23.88 8.13 16.70
C ILE A 110 -23.66 9.03 15.52
N ALA A 111 -24.47 10.07 15.45
CA ALA A 111 -24.35 11.05 14.41
C ALA A 111 -23.88 12.41 14.99
N TYR A 112 -22.97 13.07 14.22
CA TYR A 112 -22.37 14.37 14.56
C TYR A 112 -22.53 15.31 13.37
N GLU A 113 -23.03 16.51 13.63
CA GLU A 113 -23.09 17.53 12.58
C GLU A 113 -21.72 17.87 11.96
N LEU A 114 -21.65 18.00 10.64
CA LEU A 114 -20.40 18.36 9.95
C LEU A 114 -19.79 19.64 10.51
N ASP A 115 -20.61 20.60 10.96
CA ASP A 115 -20.03 21.89 11.38
C ASP A 115 -19.18 21.89 12.68
N LEU A 116 -19.27 20.81 13.46
CA LEU A 116 -18.42 20.61 14.60
C LEU A 116 -16.93 20.37 14.26
N PHE A 117 -16.60 19.98 13.03
CA PHE A 117 -15.26 19.57 12.70
C PHE A 117 -14.48 20.58 11.93
N GLU A 118 -13.20 20.72 12.31
CA GLU A 118 -12.27 21.52 11.48
C GLU A 118 -12.00 20.78 10.14
N GLU A 119 -12.11 21.47 9.00
CA GLU A 119 -11.89 20.87 7.73
C GLU A 119 -10.47 20.37 7.64
N GLY A 120 -10.23 19.26 6.97
CA GLY A 120 -8.83 18.87 6.79
C GLY A 120 -8.02 18.43 8.02
N SER A 121 -8.63 18.30 9.21
CA SER A 121 -7.84 18.07 10.44
C SER A 121 -8.09 16.72 11.13
N ILE A 122 -7.15 15.79 11.03
CA ILE A 122 -7.31 14.52 11.78
C ILE A 122 -7.29 14.74 13.31
N ALA A 123 -6.44 15.65 13.80
CA ALA A 123 -6.40 15.81 15.22
C ALA A 123 -7.83 16.20 15.69
N ASN A 124 -8.46 17.13 14.96
CA ASN A 124 -9.75 17.57 15.41
C ASN A 124 -10.78 16.43 15.37
N LEU A 125 -10.75 15.63 14.32
CA LEU A 125 -11.67 14.52 14.17
C LEU A 125 -11.56 13.53 15.34
N THR A 126 -10.32 13.12 15.66
CA THR A 126 -10.10 12.17 16.72
C THR A 126 -10.38 12.79 18.07
N ALA A 127 -9.92 14.00 18.32
CA ALA A 127 -10.25 14.69 19.59
C ALA A 127 -11.77 14.65 19.84
N SER A 128 -12.55 15.03 18.83
CA SER A 128 -13.99 15.09 18.91
C SER A 128 -14.67 13.75 19.05
N ILE A 129 -14.13 12.70 18.50
CA ILE A 129 -14.88 11.45 18.49
C ILE A 129 -14.49 10.54 19.63
N ILE A 130 -13.21 10.19 19.70
CA ILE A 130 -12.73 9.28 20.70
C ILE A 130 -12.10 9.99 21.89
N GLY A 131 -12.55 11.20 22.19
CA GLY A 131 -12.03 11.88 23.36
C GLY A 131 -13.04 11.92 24.48
N ASN A 132 -14.08 12.70 24.26
CA ASN A 132 -15.03 13.00 25.30
C ASN A 132 -16.19 12.00 25.39
N VAL A 133 -15.96 10.78 24.90
CA VAL A 133 -16.96 9.69 25.00
C VAL A 133 -16.93 9.01 26.38
N PHE A 134 -17.22 9.79 27.42
CA PHE A 134 -17.15 9.36 28.83
C PHE A 134 -18.46 8.62 29.20
N GLY A 135 -18.81 8.60 30.50
CA GLY A 135 -20.03 7.92 30.97
C GLY A 135 -19.70 6.72 31.84
N PHE A 136 -18.68 6.88 32.66
CA PHE A 136 -18.14 5.84 33.53
C PHE A 136 -19.19 5.19 34.44
N LYS A 137 -20.39 5.79 34.54
CA LYS A 137 -21.52 5.20 35.29
C LYS A 137 -22.53 4.35 34.45
N ALA A 138 -22.66 4.63 33.16
CA ALA A 138 -23.51 3.78 32.31
C ALA A 138 -22.71 2.79 31.47
N VAL A 139 -21.40 3.05 31.33
CA VAL A 139 -20.59 2.34 30.33
C VAL A 139 -19.35 1.72 30.94
N LYS A 140 -19.19 0.42 30.75
CA LYS A 140 -18.06 -0.32 31.24
C LYS A 140 -16.90 -0.41 30.22
N ALA A 141 -17.25 -0.73 28.96
CA ALA A 141 -16.27 -0.78 27.89
C ALA A 141 -16.81 -0.09 26.63
N LEU A 142 -15.90 0.44 25.81
CA LEU A 142 -16.19 1.15 24.55
C LEU A 142 -15.08 0.93 23.52
N ARG A 143 -15.45 0.53 22.31
CA ARG A 143 -14.49 0.39 21.23
C ARG A 143 -15.12 1.00 20.00
N LEU A 144 -14.40 1.89 19.33
CA LEU A 144 -14.91 2.49 18.12
C LEU A 144 -14.66 1.52 17.00
N GLU A 145 -15.71 1.07 16.32
CA GLU A 145 -15.59 0.07 15.27
C GLU A 145 -15.49 0.58 13.85
N ASP A 146 -16.19 1.66 13.49
CA ASP A 146 -16.16 2.12 12.12
C ASP A 146 -16.62 3.57 12.11
N MET A 147 -16.36 4.29 11.01
CA MET A 147 -16.87 5.66 10.83
C MET A 147 -17.39 5.89 9.43
N ARG A 148 -18.54 6.59 9.32
CA ARG A 148 -19.00 7.14 8.02
C ARG A 148 -18.64 8.61 7.93
N LEU A 149 -17.53 8.84 7.25
CA LEU A 149 -17.07 10.15 6.91
C LEU A 149 -17.84 10.66 5.72
N PRO A 150 -18.52 11.79 5.87
CA PRO A 150 -19.35 12.22 4.77
C PRO A 150 -18.49 12.79 3.60
N PHE A 151 -19.05 12.67 2.41
CA PHE A 151 -18.41 13.06 1.14
C PHE A 151 -17.77 14.45 1.21
N ALA A 152 -18.55 15.43 1.73
CA ALA A 152 -18.10 16.81 1.76
C ALA A 152 -16.95 17.01 2.79
N TYR A 153 -16.86 16.14 3.81
CA TYR A 153 -15.78 16.20 4.76
C TYR A 153 -14.52 15.62 4.15
N ILE A 154 -14.66 14.45 3.54
CA ILE A 154 -13.57 13.74 2.94
C ILE A 154 -12.93 14.63 1.86
N LYS A 155 -13.81 15.31 1.17
CA LYS A 155 -13.36 16.20 0.11
C LYS A 155 -12.53 17.36 0.69
N THR A 156 -12.48 17.55 2.02
CA THR A 156 -11.57 18.60 2.56
C THR A 156 -10.15 18.12 2.87
N PHE A 157 -9.88 16.83 2.61
CA PHE A 157 -8.57 16.25 2.84
C PHE A 157 -7.86 15.93 1.55
N GLN A 158 -6.52 15.91 1.67
CA GLN A 158 -5.70 15.74 0.50
C GLN A 158 -5.79 14.32 -0.07
N GLY A 159 -5.86 13.33 0.80
CA GLY A 159 -5.73 11.96 0.34
C GLY A 159 -4.29 11.64 0.00
N PRO A 160 -3.99 10.38 -0.41
CA PRO A 160 -2.58 9.99 -0.59
C PRO A 160 -1.73 10.95 -1.40
N ALA A 161 -0.52 11.20 -0.90
CA ALA A 161 0.36 12.07 -1.60
C ALA A 161 0.55 11.60 -3.02
N THR A 162 0.76 10.29 -3.21
CA THR A 162 1.04 9.79 -4.54
C THR A 162 -0.14 8.92 -4.96
N GLY A 163 -0.34 7.83 -4.20
CA GLY A 163 -1.40 6.92 -4.54
C GLY A 163 -0.95 5.78 -5.42
N VAL A 164 -1.74 4.71 -5.40
CA VAL A 164 -1.35 3.49 -6.10
C VAL A 164 -1.05 3.70 -7.61
N ILE A 165 -1.89 4.45 -8.30
CA ILE A 165 -1.78 4.58 -9.78
C ILE A 165 -0.54 5.38 -10.16
N LEU A 166 -0.35 6.55 -9.54
CA LEU A 166 0.83 7.35 -9.77
C LEU A 166 2.09 6.65 -9.33
N GLU A 167 2.02 5.93 -8.21
CA GLU A 167 3.21 5.21 -7.73
C GLU A 167 3.61 4.18 -8.79
N ARG A 168 2.63 3.49 -9.35
CA ARG A 168 3.02 2.48 -10.31
C ARG A 168 3.52 3.09 -11.59
N GLU A 169 2.96 4.22 -12.04
CA GLU A 169 3.51 4.92 -13.21
C GLU A 169 4.93 5.47 -12.91
N ARG A 170 5.22 5.93 -11.69
CA ARG A 170 6.58 6.31 -11.36
C ARG A 170 7.56 5.16 -11.40
N LEU A 171 7.13 3.98 -10.97
CA LEU A 171 8.07 2.84 -10.93
C LEU A 171 8.08 2.06 -12.23
N ASP A 172 7.14 2.38 -13.10
CA ASP A 172 6.83 1.53 -14.32
C ASP A 172 6.61 0.03 -13.90
N LYS A 173 5.77 -0.20 -12.89
CA LYS A 173 5.54 -1.55 -12.46
C LYS A 173 4.06 -1.82 -12.34
N PHE A 174 3.57 -2.71 -13.18
CA PHE A 174 2.16 -2.92 -13.35
C PHE A 174 1.76 -4.38 -13.19
N GLY A 175 0.56 -4.60 -12.63
CA GLY A 175 -0.11 -5.89 -12.63
C GLY A 175 0.43 -6.97 -11.72
N ARG A 176 1.18 -6.60 -10.70
CA ARG A 176 1.76 -7.61 -9.80
C ARG A 176 1.96 -6.87 -8.49
N PRO A 177 1.89 -7.57 -7.37
CA PRO A 177 2.31 -6.93 -6.14
C PRO A 177 3.75 -6.45 -6.25
N LEU A 178 4.11 -5.52 -5.38
CA LEU A 178 5.50 -5.13 -5.21
C LEU A 178 6.15 -5.95 -4.11
N LEU A 179 7.46 -6.00 -4.15
CA LEU A 179 8.18 -6.85 -3.21
C LEU A 179 9.21 -6.05 -2.39
N GLY A 180 9.16 -6.15 -1.07
CA GLY A 180 10.15 -5.47 -0.23
C GLY A 180 10.63 -6.39 0.90
N THR A 182 12.65 -5.59 5.08
CA THR A 182 13.46 -4.81 5.97
C THR A 182 14.91 -5.36 6.09
N THR A 183 15.88 -4.44 6.12
CA THR A 183 17.28 -4.84 6.31
C THR A 183 17.46 -5.68 7.57
N LYS A 184 18.35 -6.66 7.44
CA LYS A 184 18.63 -7.63 8.47
C LYS A 184 20.16 -7.63 8.77
N PRO A 185 20.55 -7.42 10.06
CA PRO A 185 19.71 -7.09 11.23
C PRO A 185 19.19 -5.66 11.20
N LYS A 186 18.05 -5.43 11.87
CA LYS A 186 17.49 -4.09 11.87
C LYS A 186 18.50 -3.02 12.29
N LEU A 187 19.39 -3.37 13.21
CA LEU A 187 20.31 -2.42 13.83
C LEU A 187 21.77 -2.91 13.94
N GLY A 188 22.74 -2.02 13.83
CA GLY A 188 24.11 -2.40 14.02
C GLY A 188 25.03 -2.24 12.84
N LEU A 189 24.55 -2.50 11.64
CA LEU A 189 25.45 -2.39 10.49
C LEU A 189 25.95 -0.93 10.37
N SER A 190 27.22 -0.76 10.02
CA SER A 190 27.72 0.58 9.73
C SER A 190 27.01 1.05 8.45
N GLY A 191 27.15 2.33 8.09
CA GLY A 191 26.58 2.74 6.79
C GLY A 191 27.02 1.89 5.58
N LYS A 192 28.31 1.59 5.49
CA LYS A 192 28.73 0.85 4.34
C LYS A 192 28.20 -0.56 4.33
N ASN A 193 28.21 -1.24 5.49
CA ASN A 193 27.67 -2.65 5.49
C ASN A 193 26.14 -2.64 5.36
N TYR A 194 25.50 -1.53 5.75
CA TYR A 194 24.06 -1.46 5.65
C TYR A 194 23.73 -1.32 4.15
N GLY A 195 24.54 -0.51 3.45
CA GLY A 195 24.29 -0.27 2.05
C GLY A 195 24.50 -1.59 1.31
N ARG A 196 25.45 -2.41 1.74
CA ARG A 196 25.74 -3.74 1.11
C ARG A 196 24.45 -4.57 1.06
N VAL A 197 23.74 -4.64 2.17
CA VAL A 197 22.53 -5.47 2.18
C VAL A 197 21.47 -4.95 1.24
N VAL A 198 21.35 -3.62 1.17
CA VAL A 198 20.37 -2.94 0.38
C VAL A 198 20.66 -3.16 -1.08
N TYR A 199 21.93 -3.02 -1.47
CA TYR A 199 22.31 -3.32 -2.85
C TYR A 199 22.07 -4.79 -3.27
N GLU A 200 22.52 -5.74 -2.42
CA GLU A 200 22.28 -7.16 -2.71
C GLU A 200 20.82 -7.45 -2.92
N ALA A 201 20.00 -6.97 -2.02
CA ALA A 201 18.59 -7.35 -2.07
C ALA A 201 17.85 -6.73 -3.27
N LEU A 202 18.11 -5.46 -3.54
CA LEU A 202 17.51 -4.79 -4.66
C LEU A 202 17.99 -5.47 -5.90
N LYS A 203 19.29 -5.72 -6.04
CA LYS A 203 19.79 -6.26 -7.30
C LYS A 203 19.19 -7.66 -7.57
N GLY A 204 18.87 -8.40 -6.51
CA GLY A 204 18.50 -9.78 -6.65
C GLY A 204 17.02 -9.89 -6.97
N GLY A 205 16.30 -8.80 -6.89
CA GLY A 205 14.91 -8.78 -7.36
C GLY A 205 13.91 -7.96 -6.55
N LEU A 206 14.20 -7.57 -5.32
CA LEU A 206 13.20 -6.82 -4.58
C LEU A 206 12.88 -5.50 -5.27
N ASP A 207 11.68 -4.95 -5.13
CA ASP A 207 11.44 -3.60 -5.68
C ASP A 207 11.90 -2.56 -4.66
N PHE A 208 11.84 -2.95 -3.40
CA PHE A 208 12.10 -2.05 -2.29
C PHE A 208 12.83 -2.79 -1.23
N VAL A 209 13.68 -2.04 -0.53
CA VAL A 209 14.21 -2.43 0.73
C VAL A 209 13.83 -1.32 1.69
N LYS A 210 13.88 -1.59 2.97
CA LYS A 210 13.45 -0.57 3.92
C LYS A 210 14.23 -0.54 5.20
N ASP A 211 14.31 0.65 5.77
CA ASP A 211 14.83 0.89 7.11
C ASP A 211 13.80 0.29 8.05
N ASP A 212 14.25 -0.21 9.18
CA ASP A 212 13.36 -0.56 10.28
C ASP A 212 12.71 0.69 10.96
N GLU A 213 11.53 0.51 11.54
CA GLU A 213 10.88 1.60 12.20
C GLU A 213 11.78 2.18 13.32
N ASN A 214 12.60 1.32 13.91
CA ASN A 214 13.51 1.68 14.98
C ASN A 214 14.77 2.40 14.53
N ILE A 215 15.10 2.32 13.24
CA ILE A 215 16.36 2.90 12.86
C ILE A 215 16.03 4.33 12.40
N ASN A 216 16.54 5.33 13.15
CA ASN A 216 16.28 6.73 12.90
C ASN A 216 17.73 7.33 12.85
N SER A 217 18.26 7.73 14.00
CA SER A 217 19.64 8.18 14.13
C SER A 217 20.11 7.86 15.55
N GLN A 218 21.18 7.09 15.68
CA GLN A 218 21.60 6.56 16.97
C GLN A 218 23.09 6.48 17.08
N PRO A 219 23.59 6.23 18.30
CA PRO A 219 25.05 6.16 18.54
C PRO A 219 25.74 5.16 17.60
N PHE A 220 25.09 4.06 17.25
CA PHE A 220 25.82 3.05 16.43
C PHE A 220 25.78 3.39 14.94
N MET A 221 25.01 4.41 14.56
CA MET A 221 24.89 4.86 13.14
C MET A 221 24.05 6.10 13.09
N ARG A 222 24.59 7.20 12.54
CA ARG A 222 23.76 8.39 12.41
C ARG A 222 23.07 8.39 11.05
N TRP A 223 22.07 9.21 10.90
CA TRP A 223 21.23 9.08 9.76
C TRP A 223 21.86 9.55 8.38
N ARG A 224 22.79 10.51 8.37
CA ARG A 224 23.25 11.07 7.07
C ARG A 224 24.09 10.05 6.32
N GLU A 225 24.94 9.31 7.02
CA GLU A 225 25.76 8.33 6.30
C GLU A 225 24.91 7.14 5.79
N ARG A 226 23.87 6.80 6.54
CA ARG A 226 22.94 5.79 6.07
C ARG A 226 22.35 6.30 4.74
N TYR A 227 21.79 7.52 4.73
CA TYR A 227 21.17 7.98 3.52
C TYR A 227 22.17 7.99 2.36
N LEU A 228 23.38 8.47 2.59
CA LEU A 228 24.36 8.51 1.47
C LEU A 228 24.79 7.15 0.91
N PHE A 229 25.01 6.18 1.80
CA PHE A 229 25.43 4.86 1.34
C PHE A 229 24.25 4.14 0.69
N VAL A 230 23.06 4.33 1.24
CA VAL A 230 21.88 3.78 0.63
C VAL A 230 21.66 4.26 -0.84
N MET A 231 21.79 5.55 -1.07
CA MET A 231 21.57 6.02 -2.42
C MET A 231 22.58 5.49 -3.42
N GLU A 232 23.79 5.21 -2.95
CA GLU A 232 24.77 4.59 -3.84
C GLU A 232 24.24 3.15 -4.14
N ALA A 233 23.76 2.45 -3.08
CA ALA A 233 23.28 1.05 -3.31
C ALA A 233 22.13 1.03 -4.28
N VAL A 234 21.20 1.99 -4.11
CA VAL A 234 19.96 2.04 -4.91
C VAL A 234 20.28 2.30 -6.40
N ASN A 235 21.11 3.30 -6.68
CA ASN A 235 21.57 3.58 -8.03
C ASN A 235 22.39 2.46 -8.69
N LYS A 236 23.27 1.84 -7.93
CA LYS A 236 23.97 0.63 -8.38
C LYS A 236 22.97 -0.49 -8.77
N ALA A 237 21.96 -0.67 -7.94
CA ALA A 237 20.92 -1.70 -8.25
C ALA A 237 20.10 -1.37 -9.52
N ALA A 238 19.71 -0.09 -9.69
CA ALA A 238 18.99 0.34 -10.91
C ALA A 238 19.85 0.07 -12.15
N ALA A 239 21.12 0.42 -12.08
CA ALA A 239 22.08 0.15 -13.17
C ALA A 239 22.36 -1.33 -13.42
N ALA A 240 22.22 -2.17 -12.38
CA ALA A 240 22.38 -3.63 -12.50
C ALA A 240 21.14 -4.32 -13.05
N THR A 241 19.98 -3.67 -13.14
CA THR A 241 18.73 -4.36 -13.39
C THR A 241 17.88 -3.70 -14.49
N GLY A 242 18.11 -2.40 -14.70
CA GLY A 242 17.35 -1.60 -15.62
C GLY A 242 15.94 -1.31 -15.11
N GLU A 243 15.77 -1.38 -13.77
CA GLU A 243 14.50 -1.00 -13.06
C GLU A 243 14.65 0.21 -12.18
N VAL A 244 13.56 0.92 -11.98
CA VAL A 244 13.47 1.86 -10.84
C VAL A 244 13.50 1.05 -9.51
N LYS A 245 14.38 1.46 -8.59
CA LYS A 245 14.58 0.74 -7.34
C LYS A 245 14.41 1.80 -6.22
N GLY A 246 14.07 1.35 -5.02
CA GLY A 246 13.84 2.32 -3.96
C GLY A 246 14.17 1.71 -2.62
N HIS A 247 14.56 2.56 -1.67
CA HIS A 247 14.80 2.12 -0.32
C HIS A 247 14.05 3.09 0.58
N TYR A 248 13.27 2.59 1.54
CA TYR A 248 12.54 3.55 2.34
C TYR A 248 13.45 4.15 3.40
N LEU A 249 13.90 5.38 3.22
CA LEU A 249 14.65 6.10 4.26
C LEU A 249 13.71 6.57 5.34
N ASN A 250 13.99 6.19 6.57
CA ASN A 250 13.15 6.54 7.66
C ASN A 250 13.49 7.97 8.07
N VAL A 251 12.54 8.90 7.90
CA VAL A 251 12.75 10.30 8.32
C VAL A 251 12.20 10.59 9.70
N THR A 252 11.58 9.56 10.34
CA THR A 252 11.07 9.75 11.72
C THR A 252 12.06 10.52 12.62
N ALA A 253 11.57 11.47 13.43
CA ALA A 253 12.44 12.17 14.36
C ALA A 253 11.62 12.87 15.43
N ALA A 254 12.31 13.48 16.39
CA ALA A 254 11.64 13.96 17.56
C ALA A 254 10.85 15.21 17.33
N THR A 255 11.32 16.05 16.39
CA THR A 255 10.70 17.38 16.10
C THR A 255 10.44 17.54 14.62
N MET A 256 9.51 18.43 14.28
CA MET A 256 9.17 18.62 12.87
C MET A 256 10.35 19.11 12.03
N GLU A 257 11.18 19.98 12.63
CA GLU A 257 12.37 20.50 11.90
C GLU A 257 13.35 19.41 11.56
N GLU A 258 13.56 18.52 12.53
CA GLU A 258 14.43 17.43 12.30
C GLU A 258 13.87 16.47 11.22
N MET A 259 12.56 16.26 11.20
CA MET A 259 12.00 15.34 10.20
C MET A 259 12.18 15.95 8.83
N TYR A 260 12.00 17.27 8.75
CA TYR A 260 12.17 17.96 7.48
C TYR A 260 13.62 17.90 6.95
N ALA A 261 14.61 17.96 7.83
CA ALA A 261 15.99 18.02 7.36
C ALA A 261 16.27 16.66 6.75
N ARG A 262 15.69 15.63 7.35
CA ARG A 262 15.85 14.24 6.89
C ARG A 262 15.14 14.02 5.59
N ALA A 263 13.88 14.43 5.53
CA ALA A 263 13.13 14.40 4.28
C ALA A 263 13.80 15.18 3.15
N GLN A 264 14.29 16.39 3.45
CA GLN A 264 15.06 17.15 2.48
C GLN A 264 16.36 16.45 1.92
N LEU A 265 17.17 15.78 2.77
CA LEU A 265 18.27 14.98 2.19
C LEU A 265 17.77 13.86 1.26
N ALA A 266 16.71 13.17 1.65
CA ALA A 266 16.17 12.11 0.80
C ALA A 266 15.85 12.71 -0.57
N LYS A 267 15.10 13.81 -0.53
CA LYS A 267 14.73 14.54 -1.76
C LYS A 267 15.96 14.90 -2.51
N GLU A 268 16.93 15.54 -1.85
CA GLU A 268 18.11 16.07 -2.55
C GLU A 268 18.87 14.96 -3.30
N LEU A 269 18.99 13.79 -2.68
CA LEU A 269 19.80 12.69 -3.22
C LEU A 269 19.01 11.88 -4.23
N GLY A 270 17.70 12.15 -4.36
CA GLY A 270 16.89 11.56 -5.47
C GLY A 270 16.12 10.28 -5.10
N SER A 271 15.94 10.09 -3.80
CA SER A 271 15.16 8.94 -3.33
C SER A 271 13.74 9.00 -3.89
N VAL A 272 13.30 7.86 -4.36
CA VAL A 272 11.93 7.70 -4.86
C VAL A 272 10.91 7.61 -3.68
N ILE A 273 11.38 7.32 -2.47
CA ILE A 273 10.47 6.95 -1.35
C ILE A 273 11.09 7.23 0.05
N ILE A 274 10.28 7.62 1.01
CA ILE A 274 10.72 7.72 2.41
C ILE A 274 9.68 7.04 3.28
N MET A 275 9.99 6.88 4.56
CA MET A 275 9.02 6.37 5.51
C MET A 275 8.97 7.17 6.76
N ILE A 276 7.84 7.05 7.43
CA ILE A 276 7.63 7.64 8.71
C ILE A 276 6.99 6.59 9.62
N ASP A 277 7.19 6.74 10.93
CA ASP A 277 6.45 5.83 11.86
C ASP A 277 5.16 6.47 12.33
N LEU A 278 4.10 5.68 12.53
CA LEU A 278 2.82 6.22 12.98
C LEU A 278 2.95 6.83 14.37
N VAL A 279 3.91 6.37 15.19
CA VAL A 279 4.12 7.04 16.47
C VAL A 279 4.48 8.55 16.43
N ILE A 280 4.91 9.07 15.26
CA ILE A 280 5.15 10.52 15.23
C ILE A 280 3.88 11.28 15.47
N GLY A 281 2.73 10.66 15.17
CA GLY A 281 1.48 11.34 15.46
C GLY A 281 0.79 12.04 14.29
N TYR A 282 -0.51 12.26 14.45
CA TYR A 282 -1.34 12.70 13.36
C TYR A 282 -0.89 14.02 12.70
N THR A 283 -0.55 15.05 13.48
CA THR A 283 -0.15 16.33 12.89
C THR A 283 1.18 16.23 12.07
N ALA A 284 2.15 15.49 12.56
CA ALA A 284 3.39 15.37 11.84
C ALA A 284 3.11 14.55 10.58
N ILE A 285 2.22 13.54 10.68
CA ILE A 285 1.77 12.77 9.50
C ILE A 285 1.17 13.65 8.40
N GLN A 286 0.22 14.52 8.73
CA GLN A 286 -0.40 15.39 7.74
C GLN A 286 0.61 16.35 7.16
N THR A 287 1.54 16.80 8.02
CA THR A 287 2.63 17.71 7.60
C THR A 287 3.50 17.00 6.58
N MET A 288 3.88 15.77 6.90
CA MET A 288 4.65 15.01 5.93
C MET A 288 3.94 14.68 4.60
N ALA A 289 2.65 14.40 4.69
CA ALA A 289 1.82 14.02 3.56
C ALA A 289 1.71 15.20 2.64
N LYS A 290 1.55 16.40 3.18
CA LYS A 290 1.57 17.54 2.29
C LYS A 290 3.00 17.66 1.66
N TRP A 291 4.05 17.52 2.46
CA TRP A 291 5.42 17.62 1.92
C TRP A 291 5.64 16.60 0.78
N ALA A 292 5.24 15.35 1.01
CA ALA A 292 5.37 14.30 -0.02
C ALA A 292 4.61 14.64 -1.27
N ARG A 293 3.41 15.22 -1.13
CA ARG A 293 2.65 15.64 -2.33
C ARG A 293 3.40 16.76 -3.08
N ASP A 294 3.92 17.73 -2.31
CA ASP A 294 4.65 18.89 -2.88
C ASP A 294 6.02 18.51 -3.43
N ASN A 295 6.52 17.36 -3.05
CA ASN A 295 7.87 17.06 -3.48
C ASN A 295 7.99 15.74 -4.19
N ASP A 296 6.90 15.21 -4.72
CA ASP A 296 6.98 13.95 -5.53
C ASP A 296 7.64 12.78 -4.84
N MET A 297 7.29 12.58 -3.60
CA MET A 297 7.91 11.52 -2.86
C MET A 297 6.83 10.53 -2.42
N ILE A 298 7.07 9.24 -2.63
CA ILE A 298 6.23 8.22 -2.04
C ILE A 298 6.49 8.22 -0.53
N LEU A 299 5.43 8.17 0.25
CA LEU A 299 5.45 8.27 1.68
C LEU A 299 4.89 6.96 2.32
N HIS A 300 5.76 6.09 2.80
CA HIS A 300 5.31 4.86 3.40
C HIS A 300 5.11 5.09 4.88
N LEU A 301 4.00 4.59 5.41
CA LEU A 301 3.69 4.79 6.82
C LEU A 301 3.84 3.43 7.53
N HIS A 302 4.73 3.33 8.50
CA HIS A 302 4.85 2.13 9.34
C HIS A 302 3.90 2.18 10.52
N ARG A 303 3.14 1.13 10.68
CA ARG A 303 2.25 0.94 11.82
C ARG A 303 2.47 -0.51 12.22
N ALA A 304 2.96 -0.71 13.44
CA ALA A 304 3.26 -2.09 13.98
C ALA A 304 2.06 -3.04 13.93
N GLY A 305 2.19 -4.15 13.18
CA GLY A 305 1.10 -5.12 12.95
C GLY A 305 0.61 -5.82 14.21
N ASN A 306 1.53 -6.03 15.16
CA ASN A 306 1.22 -6.62 16.47
C ASN A 306 1.90 -5.84 17.60
N SER A 307 1.20 -4.83 18.12
CA SER A 307 1.68 -4.04 19.22
C SER A 307 0.84 -4.36 20.46
N THR A 308 1.22 -3.78 21.60
CA THR A 308 0.46 -3.95 22.84
C THR A 308 -1.04 -3.64 22.63
N TYR A 309 -1.33 -2.68 21.74
CA TYR A 309 -2.70 -2.23 21.40
C TYR A 309 -3.47 -3.11 20.36
N SER A 310 -3.15 -4.40 20.27
CA SER A 310 -3.69 -5.26 19.19
C SER A 310 -5.01 -5.96 19.48
N ARG A 311 -4.90 -7.18 19.99
CA ARG A 311 -6.01 -8.15 20.01
C ARG A 311 -7.22 -7.80 20.91
N GLN A 312 -7.59 -6.51 20.96
CA GLN A 312 -8.71 -6.02 21.81
C GLN A 312 -10.06 -6.22 21.12
N LYS A 313 -10.91 -7.08 21.65
CA LYS A 313 -12.27 -7.12 21.14
C LYS A 313 -13.08 -6.05 21.90
N ASN A 314 -12.43 -5.42 22.90
CA ASN A 314 -13.17 -4.72 23.94
C ASN A 314 -13.06 -3.21 24.12
N HIS A 315 -11.87 -2.64 23.91
CA HIS A 315 -11.63 -1.19 24.05
C HIS A 315 -10.93 -0.61 22.82
N GLY A 316 -10.66 0.69 22.88
CA GLY A 316 -9.90 1.36 21.83
C GLY A 316 -10.61 1.50 20.51
N MET A 317 -9.90 1.25 19.42
CA MET A 317 -10.46 1.45 18.09
C MET A 317 -10.00 0.45 17.08
N ASN A 318 -10.91 0.05 16.22
CA ASN A 318 -10.62 -0.99 15.31
C ASN A 318 -9.73 -0.41 14.26
N PHE A 319 -8.86 -1.25 13.70
CA PHE A 319 -7.82 -0.81 12.76
C PHE A 319 -8.39 -0.11 11.51
N ARG A 320 -9.61 -0.47 11.13
CA ARG A 320 -10.18 0.02 9.92
C ARG A 320 -10.44 1.53 10.04
N VAL A 321 -10.71 2.02 11.25
CA VAL A 321 -10.85 3.47 11.44
C VAL A 321 -9.47 4.18 11.18
N ILE A 322 -8.37 3.54 11.60
CA ILE A 322 -7.01 4.03 11.29
C ILE A 322 -6.81 4.12 9.78
N CYS A 323 -7.23 3.09 9.04
CA CYS A 323 -7.12 3.08 7.60
C CYS A 323 -7.85 4.26 7.00
N LYS A 324 -9.10 4.48 7.40
CA LYS A 324 -9.80 5.63 6.97
C LYS A 324 -9.03 6.94 7.22
N TRP A 325 -8.58 7.17 8.46
CA TRP A 325 -7.96 8.42 8.84
C TRP A 325 -6.62 8.62 8.06
N MET A 326 -5.88 7.54 7.87
CA MET A 326 -4.58 7.62 7.18
C MET A 326 -4.69 7.78 5.67
N ARG A 327 -5.71 7.14 5.09
CA ARG A 327 -6.00 7.44 3.71
C ARG A 327 -6.37 8.92 3.51
N MET A 328 -7.20 9.46 4.39
N MET A 328 -7.18 9.47 4.41
CA MET A 328 -7.52 10.87 4.37
CA MET A 328 -7.49 10.90 4.36
C MET A 328 -6.27 11.79 4.57
C MET A 328 -6.25 11.80 4.56
N ALA A 329 -5.43 11.47 5.56
CA ALA A 329 -4.22 12.27 5.89
C ALA A 329 -3.29 12.29 4.68
N GLY A 330 -3.20 11.15 4.02
CA GLY A 330 -2.53 11.13 2.75
C GLY A 330 -1.21 10.35 2.73
N VAL A 331 -1.05 9.33 3.56
CA VAL A 331 0.08 8.42 3.31
C VAL A 331 -0.17 7.49 2.08
N ASP A 332 0.88 6.86 1.55
CA ASP A 332 0.86 6.10 0.29
C ASP A 332 0.83 4.54 0.49
N HIS A 333 1.28 4.07 1.68
CA HIS A 333 1.45 2.64 2.02
C HIS A 333 1.10 2.59 3.48
N ILE A 334 0.37 1.56 3.89
CA ILE A 334 0.27 1.28 5.31
C ILE A 334 0.25 -0.27 5.46
N HIS A 335 0.96 -0.83 6.46
CA HIS A 335 0.80 -2.28 6.74
C HIS A 335 -0.64 -2.62 7.20
N ALA A 336 -1.31 -3.50 6.42
CA ALA A 336 -2.72 -3.75 6.56
C ALA A 336 -3.01 -5.15 7.04
N GLY A 337 -1.98 -5.95 7.21
CA GLY A 337 -2.27 -7.27 7.65
C GLY A 337 -1.99 -8.24 6.54
N THR A 338 -1.60 -9.42 6.94
CA THR A 338 -1.77 -10.54 6.07
C THR A 338 -2.78 -11.46 6.74
N VAL A 339 -3.12 -12.52 6.01
CA VAL A 339 -4.12 -13.47 6.42
C VAL A 339 -3.38 -14.71 6.95
N VAL A 340 -2.40 -15.17 6.18
CA VAL A 340 -1.64 -16.36 6.54
C VAL A 340 -0.33 -15.98 7.22
N GLY A 341 0.48 -17.00 7.51
CA GLY A 341 1.77 -16.78 8.15
C GLY A 341 1.62 -16.57 9.65
N LYS A 342 2.55 -15.81 10.23
CA LYS A 342 2.59 -15.61 11.69
C LYS A 342 1.49 -14.63 12.20
N LEU A 343 1.10 -13.69 11.34
CA LEU A 343 -0.17 -12.94 11.49
C LEU A 343 -1.37 -13.86 11.23
N GLU A 344 -2.07 -14.20 12.30
CA GLU A 344 -3.28 -15.00 12.19
C GLU A 344 -4.52 -14.09 12.33
N GLY A 345 -5.03 -13.59 11.21
CA GLY A 345 -6.27 -12.82 11.27
C GLY A 345 -7.40 -13.44 10.47
N ASP A 346 -8.64 -13.11 10.86
CA ASP A 346 -9.84 -13.35 10.05
C ASP A 346 -9.61 -12.79 8.63
N PRO A 347 -9.61 -13.66 7.59
CA PRO A 347 -9.39 -13.20 6.21
C PRO A 347 -10.42 -12.16 5.74
N ILE A 348 -11.63 -12.30 6.23
CA ILE A 348 -12.70 -11.47 5.78
C ILE A 348 -12.64 -10.06 6.40
N ILE A 349 -12.27 -9.95 7.66
CA ILE A 349 -11.99 -8.65 8.30
C ILE A 349 -10.80 -7.99 7.63
N THR A 350 -9.72 -8.76 7.36
CA THR A 350 -8.58 -8.20 6.63
C THR A 350 -8.99 -7.70 5.27
N ARG A 351 -9.84 -8.45 4.57
CA ARG A 351 -10.26 -8.04 3.28
C ARG A 351 -10.94 -6.68 3.39
N GLY A 352 -11.56 -6.44 4.55
CA GLY A 352 -12.26 -5.20 4.76
C GLY A 352 -11.28 -4.06 4.90
N PHE A 353 -10.13 -4.32 5.51
CA PHE A 353 -9.05 -3.28 5.61
C PHE A 353 -8.59 -2.86 4.20
N TYR A 354 -8.39 -3.84 3.30
CA TYR A 354 -7.89 -3.59 1.94
C TYR A 354 -8.83 -2.77 1.11
N LYS A 355 -10.12 -3.08 1.24
CA LYS A 355 -11.17 -2.32 0.56
C LYS A 355 -11.16 -0.87 0.96
N THR A 356 -11.09 -0.63 2.27
CA THR A 356 -11.02 0.72 2.83
C THR A 356 -9.90 1.51 2.22
N LEU A 357 -8.76 0.84 2.05
CA LEU A 357 -7.55 1.47 1.52
C LEU A 357 -7.63 1.74 0.01
N LEU A 358 -8.28 0.83 -0.71
CA LEU A 358 -8.21 0.70 -2.17
C LEU A 358 -9.45 1.09 -2.97
N LEU A 359 -10.66 1.01 -2.43
CA LEU A 359 -11.83 1.10 -3.28
C LEU A 359 -12.27 2.55 -3.36
N PRO A 360 -12.97 2.88 -4.45
CA PRO A 360 -13.54 4.24 -4.59
C PRO A 360 -14.84 4.43 -3.74
N LYS A 361 -15.48 3.32 -3.29
CA LYS A 361 -16.75 3.31 -2.53
C LYS A 361 -16.74 2.08 -1.72
N LEU A 362 -17.25 2.14 -0.49
CA LEU A 362 -17.24 0.97 0.37
C LEU A 362 -18.74 0.67 0.53
N GLU A 363 -19.08 -0.62 0.65
CA GLU A 363 -20.47 -1.07 0.72
C GLU A 363 -20.57 -1.71 2.09
N ARG A 364 -21.58 -1.36 2.85
CA ARG A 364 -21.78 -2.01 4.13
C ARG A 364 -21.66 -3.56 3.98
N ASN A 365 -21.00 -4.22 4.90
CA ASN A 365 -20.85 -5.67 4.83
C ASN A 365 -20.39 -6.14 6.17
N LEU A 366 -21.30 -6.77 6.88
CA LEU A 366 -21.12 -6.97 8.33
C LEU A 366 -19.98 -7.91 8.64
N GLN A 367 -19.81 -8.94 7.82
CA GLN A 367 -18.73 -9.90 8.00
C GLN A 367 -17.36 -9.28 7.74
N GLU A 368 -17.31 -8.22 6.94
CA GLU A 368 -16.02 -7.54 6.77
C GLU A 368 -15.81 -6.49 7.83
N GLY A 369 -16.79 -6.34 8.71
CA GLY A 369 -16.76 -5.29 9.67
C GLY A 369 -16.92 -3.89 9.03
N LEU A 370 -17.50 -3.77 7.85
CA LEU A 370 -17.86 -2.42 7.38
C LEU A 370 -19.34 -2.16 7.72
N PHE A 371 -19.61 -1.25 8.64
CA PHE A 371 -20.99 -0.97 9.08
C PHE A 371 -21.71 0.09 8.28
N PHE A 372 -20.96 0.86 7.45
CA PHE A 372 -21.47 1.98 6.64
C PHE A 372 -21.12 1.84 5.16
N ASP A 373 -22.04 2.18 4.28
CA ASP A 373 -21.65 2.57 2.92
C ASP A 373 -20.84 3.88 3.04
N MET A 374 -19.93 4.11 2.07
CA MET A 374 -19.07 5.29 2.11
C MET A 374 -18.49 5.59 0.75
N ASP A 375 -18.62 6.82 0.31
CA ASP A 375 -18.04 7.22 -0.95
C ASP A 375 -16.68 7.90 -0.63
N TRP A 376 -15.61 7.52 -1.33
CA TRP A 376 -14.30 8.01 -1.02
C TRP A 376 -13.97 9.35 -1.71
N ALA A 377 -14.93 9.89 -2.44
CA ALA A 377 -14.84 11.25 -3.00
C ALA A 377 -13.60 11.45 -3.87
N SER A 378 -13.23 10.37 -4.57
CA SER A 378 -12.10 10.31 -5.51
C SER A 378 -10.76 10.55 -4.82
N LEU A 379 -10.68 10.45 -3.47
CA LEU A 379 -9.33 10.41 -2.85
C LEU A 379 -8.58 9.24 -3.50
N ARG A 380 -7.31 9.47 -3.81
CA ARG A 380 -6.36 8.40 -4.18
C ARG A 380 -6.31 7.18 -3.26
N LYS A 381 -5.71 6.12 -3.76
CA LYS A 381 -5.71 4.84 -3.07
C LYS A 381 -4.41 4.67 -2.32
N VAL A 382 -4.50 4.09 -1.11
CA VAL A 382 -3.32 3.67 -0.39
C VAL A 382 -2.97 2.20 -0.68
N MET A 383 -1.68 1.93 -0.82
CA MET A 383 -1.16 0.59 -1.02
C MET A 383 -1.01 -0.22 0.31
N PRO A 384 -1.76 -1.35 0.42
CA PRO A 384 -1.64 -2.19 1.62
C PRO A 384 -0.24 -2.77 1.64
N VAL A 385 0.32 -3.01 2.81
CA VAL A 385 1.58 -3.73 2.91
C VAL A 385 1.26 -4.98 3.74
N ALA A 386 1.76 -6.13 3.30
CA ALA A 386 1.61 -7.38 4.03
C ALA A 386 3.01 -7.79 4.49
N SER A 387 3.13 -8.00 5.80
CA SER A 387 4.40 -8.26 6.43
C SER A 387 4.08 -9.24 7.52
N GLY A 388 5.00 -10.15 7.79
CA GLY A 388 4.82 -11.13 8.86
C GLY A 388 5.73 -12.31 8.58
N GLY A 389 5.41 -13.46 9.16
CA GLY A 389 6.17 -14.68 8.89
C GLY A 389 5.99 -15.20 7.47
N ILE A 390 5.53 -14.34 6.57
CA ILE A 390 5.19 -14.81 5.22
C ILE A 390 6.40 -15.33 4.41
N HIS A 391 6.18 -16.38 3.61
CA HIS A 391 7.26 -16.93 2.79
C HIS A 391 6.84 -17.32 1.37
N ALA A 392 7.81 -17.57 0.47
CA ALA A 392 7.53 -17.89 -0.95
C ALA A 392 6.56 -19.05 -1.22
N GLY A 393 6.61 -20.09 -0.38
CA GLY A 393 5.68 -21.25 -0.48
C GLY A 393 4.23 -20.91 -0.19
N GLN A 394 3.93 -19.71 0.35
CA GLN A 394 2.54 -19.29 0.53
C GLN A 394 1.97 -18.38 -0.60
N MET A 395 2.69 -18.23 -1.73
CA MET A 395 2.37 -17.15 -2.72
C MET A 395 0.97 -17.28 -3.30
N HIS A 396 0.50 -18.51 -3.48
CA HIS A 396 -0.88 -18.69 -3.95
C HIS A 396 -1.91 -18.17 -2.95
N GLN A 397 -1.65 -18.37 -1.66
CA GLN A 397 -2.58 -17.84 -0.66
C GLN A 397 -2.49 -16.33 -0.60
N LEU A 398 -1.27 -15.80 -0.69
CA LEU A 398 -1.07 -14.35 -0.61
C LEU A 398 -1.78 -13.66 -1.80
N ILE A 399 -1.58 -14.16 -3.00
CA ILE A 399 -2.24 -13.56 -4.15
C ILE A 399 -3.77 -13.67 -3.99
N HIS A 400 -4.23 -14.86 -3.58
CA HIS A 400 -5.66 -15.11 -3.54
C HIS A 400 -6.26 -14.22 -2.49
N TYR A 401 -5.65 -14.07 -1.32
CA TYR A 401 -6.27 -13.24 -0.29
C TYR A 401 -6.05 -11.73 -0.41
N LEU A 402 -4.92 -11.32 -0.99
CA LEU A 402 -4.51 -9.94 -0.89
C LEU A 402 -4.54 -9.19 -2.21
N GLY A 403 -4.70 -9.87 -3.36
CA GLY A 403 -4.82 -9.12 -4.64
C GLY A 403 -3.47 -8.65 -5.18
N GLU A 404 -3.51 -7.87 -6.26
CA GLU A 404 -2.27 -7.45 -6.92
C GLU A 404 -1.72 -6.17 -6.37
N ASP A 405 -2.59 -5.34 -5.79
CA ASP A 405 -2.15 -4.10 -5.15
C ASP A 405 -1.82 -4.30 -3.70
N VAL A 406 -0.56 -4.62 -3.45
CA VAL A 406 -0.05 -4.90 -2.15
C VAL A 406 1.47 -4.92 -2.29
N VAL A 407 2.21 -4.45 -1.29
CA VAL A 407 3.61 -4.77 -1.15
C VAL A 407 3.76 -5.99 -0.22
N LEU A 408 4.36 -7.07 -0.74
CA LEU A 408 4.63 -8.23 0.09
C LEU A 408 6.02 -8.04 0.68
N GLN A 409 6.10 -8.02 2.02
CA GLN A 409 7.40 -7.86 2.71
C GLN A 409 7.88 -9.11 3.43
N PHE A 410 8.95 -9.69 2.92
CA PHE A 410 9.63 -10.87 3.47
C PHE A 410 10.88 -10.54 4.27
N GLY A 411 11.01 -11.11 5.47
CA GLY A 411 12.17 -10.83 6.35
C GLY A 411 13.41 -11.72 6.15
N GLY A 412 13.66 -12.60 7.13
CA GLY A 412 14.71 -13.64 7.02
C GLY A 412 14.48 -14.58 5.84
N GLY A 413 13.34 -14.37 5.17
CA GLY A 413 12.97 -15.08 3.93
C GLY A 413 13.73 -14.65 2.69
N THR A 414 14.50 -13.57 2.81
CA THR A 414 15.39 -13.15 1.75
C THR A 414 16.83 -13.14 2.24
N ILE A 415 17.09 -12.36 3.30
CA ILE A 415 18.46 -12.19 3.84
C ILE A 415 19.13 -13.56 4.17
N GLY A 416 18.32 -14.51 4.62
CA GLY A 416 18.84 -15.76 5.10
C GLY A 416 18.62 -16.92 4.14
N HIS A 417 18.69 -16.64 2.86
CA HIS A 417 18.65 -17.70 1.91
C HIS A 417 20.06 -18.28 1.97
N PRO A 418 20.19 -19.60 2.09
CA PRO A 418 21.51 -20.19 2.28
C PRO A 418 22.44 -19.84 1.13
N ASP A 419 21.92 -19.33 0.03
CA ASP A 419 22.78 -18.92 -1.10
C ASP A 419 23.07 -17.43 -1.20
N GLY A 420 22.69 -16.64 -0.21
CA GLY A 420 22.88 -15.22 -0.35
C GLY A 420 21.58 -14.44 -0.51
N ILE A 421 21.65 -13.14 -0.18
CA ILE A 421 20.54 -12.22 -0.24
C ILE A 421 19.98 -12.12 -1.67
N GLN A 422 20.85 -11.96 -2.67
CA GLN A 422 20.38 -11.89 -4.02
C GLN A 422 19.55 -13.09 -4.38
N SER A 423 20.01 -14.25 -3.93
CA SER A 423 19.29 -15.51 -4.21
C SER A 423 17.94 -15.52 -3.56
N GLY A 424 17.89 -15.10 -2.31
CA GLY A 424 16.64 -15.09 -1.61
C GLY A 424 15.65 -14.16 -2.28
N ALA A 425 16.14 -13.00 -2.70
CA ALA A 425 15.26 -12.05 -3.41
C ALA A 425 14.79 -12.67 -4.71
N THR A 426 15.67 -13.40 -5.41
CA THR A 426 15.25 -13.98 -6.69
C THR A 426 14.12 -15.03 -6.55
N ALA A 427 14.26 -15.97 -5.61
CA ALA A 427 13.27 -16.96 -5.34
C ALA A 427 11.89 -16.33 -5.11
N ASN A 428 11.82 -15.29 -4.28
CA ASN A 428 10.56 -14.58 -3.96
C ASN A 428 9.93 -13.90 -5.18
N ARG A 429 10.78 -13.29 -5.99
CA ARG A 429 10.38 -12.60 -7.20
C ARG A 429 9.83 -13.60 -8.24
N VAL A 430 10.59 -14.65 -8.54
CA VAL A 430 10.10 -15.72 -9.43
C VAL A 430 8.77 -16.38 -8.95
N ALA A 431 8.61 -16.68 -7.66
CA ALA A 431 7.38 -17.26 -7.13
C ALA A 431 6.20 -16.28 -7.39
N LEU A 432 6.45 -15.00 -7.07
CA LEU A 432 5.46 -13.92 -7.31
C LEU A 432 5.04 -13.91 -8.76
N GLU A 433 6.01 -13.90 -9.66
CA GLU A 433 5.68 -13.69 -11.04
C GLU A 433 4.99 -14.91 -11.64
N ALA A 434 5.45 -16.10 -11.24
CA ALA A 434 4.86 -17.36 -11.73
C ALA A 434 3.40 -17.48 -11.25
N MET A 435 3.10 -16.98 -10.05
CA MET A 435 1.73 -17.01 -9.48
C MET A 435 0.77 -16.07 -10.18
N ILE A 436 1.22 -14.86 -10.46
CA ILE A 436 0.39 -13.93 -11.25
C ILE A 436 0.20 -14.42 -12.69
N LEU A 437 1.24 -15.01 -13.25
CA LEU A 437 1.10 -15.62 -14.57
C LEU A 437 -0.09 -16.65 -14.55
N ALA A 438 -0.05 -17.60 -13.63
CA ALA A 438 -1.09 -18.61 -13.41
C ALA A 438 -2.43 -17.97 -13.16
N ARG A 439 -2.47 -16.94 -12.31
CA ARG A 439 -3.75 -16.29 -12.11
C ARG A 439 -4.24 -15.72 -13.40
N ASN A 440 -3.38 -15.07 -14.15
CA ASN A 440 -3.88 -14.46 -15.33
C ASN A 440 -4.31 -15.52 -16.36
N GLU A 441 -3.78 -16.75 -16.21
CA GLU A 441 -4.15 -17.81 -17.19
C GLU A 441 -5.46 -18.46 -16.75
N ASN A 442 -6.05 -17.99 -15.64
CA ASN A 442 -7.29 -18.57 -15.12
C ASN A 442 -7.06 -19.99 -14.61
N ARG A 443 -5.85 -20.25 -14.19
CA ARG A 443 -5.52 -21.52 -13.65
C ARG A 443 -6.07 -21.47 -12.23
N ASP A 444 -6.52 -22.60 -11.68
CA ASP A 444 -7.13 -22.58 -10.35
C ASP A 444 -5.98 -22.55 -9.38
N PHE A 445 -5.40 -21.35 -9.25
CA PHE A 445 -4.12 -21.24 -8.56
C PHE A 445 -4.25 -21.44 -7.05
N LEU A 446 -5.43 -21.30 -6.47
CA LEU A 446 -5.50 -21.52 -5.04
C LEU A 446 -5.28 -23.00 -4.76
N THR A 447 -5.97 -23.82 -5.53
CA THR A 447 -5.83 -25.26 -5.48
C THR A 447 -4.54 -25.80 -6.05
N GLU A 448 -4.07 -25.25 -7.17
CA GLU A 448 -2.87 -25.80 -7.80
C GLU A 448 -1.59 -25.07 -7.42
N GLY A 449 -1.71 -24.15 -6.46
CA GLY A 449 -0.57 -23.39 -5.94
C GLY A 449 0.81 -24.04 -5.77
N PRO A 450 0.89 -25.14 -4.98
CA PRO A 450 2.17 -25.83 -4.77
C PRO A 450 2.78 -26.36 -6.09
N GLU A 451 1.95 -26.84 -7.00
CA GLU A 451 2.46 -27.40 -8.25
C GLU A 451 2.92 -26.27 -9.21
N ILE A 452 2.16 -25.19 -9.22
CA ILE A 452 2.59 -23.99 -9.93
C ILE A 452 4.02 -23.57 -9.45
N LEU A 453 4.27 -23.56 -8.14
CA LEU A 453 5.58 -23.09 -7.58
C LEU A 453 6.72 -24.06 -7.95
N ARG A 454 6.37 -25.32 -7.86
CA ARG A 454 7.26 -26.40 -8.19
C ARG A 454 7.52 -26.43 -9.70
N GLU A 455 6.58 -25.99 -10.55
CA GLU A 455 6.98 -25.87 -11.99
C GLU A 455 7.95 -24.72 -12.15
N ALA A 456 7.66 -23.60 -11.49
CA ALA A 456 8.55 -22.43 -11.52
C ALA A 456 9.93 -22.72 -10.98
N ALA A 457 10.03 -23.52 -9.92
CA ALA A 457 11.32 -23.84 -9.29
C ALA A 457 12.16 -24.74 -10.17
N LYS A 458 11.53 -25.41 -11.13
CA LYS A 458 12.21 -26.28 -12.06
C LYS A 458 13.24 -25.47 -12.82
N ASN A 459 12.85 -24.26 -13.20
CA ASN A 459 13.76 -23.31 -13.87
C ASN A 459 14.52 -22.40 -12.91
N GLY A 461 16.84 -22.51 -9.43
CA GLY A 461 17.52 -23.13 -8.33
C GLY A 461 17.27 -22.40 -7.03
N ALA A 462 17.20 -21.07 -7.07
CA ALA A 462 17.12 -20.32 -5.82
C ALA A 462 15.75 -20.59 -5.27
N LEU A 463 14.76 -20.72 -6.16
CA LEU A 463 13.37 -21.00 -5.73
C LEU A 463 13.25 -22.45 -5.25
N ARG A 464 13.91 -23.36 -5.97
CA ARG A 464 13.97 -24.74 -5.49
C ARG A 464 14.57 -24.81 -4.08
N THR A 465 15.73 -24.19 -3.89
CA THR A 465 16.31 -24.12 -2.57
C THR A 465 15.33 -23.55 -1.54
N ALA A 466 14.73 -22.40 -1.83
CA ALA A 466 13.72 -21.84 -0.89
C ALA A 466 12.56 -22.79 -0.57
N LEU A 467 12.02 -23.48 -1.59
CA LEU A 467 10.86 -24.33 -1.36
C LEU A 467 11.15 -25.48 -0.40
N ASP A 468 12.29 -26.15 -0.61
CA ASP A 468 12.82 -27.12 0.38
C ASP A 468 13.06 -26.50 1.75
N LEU A 469 13.91 -25.49 1.84
CA LEU A 469 14.03 -24.73 3.08
C LEU A 469 12.71 -24.67 3.89
N TRP A 470 11.58 -24.44 3.23
CA TRP A 470 10.33 -24.17 3.94
C TRP A 470 9.29 -25.29 3.90
N LYS A 471 9.76 -26.53 3.92
CA LYS A 471 8.87 -27.70 4.01
C LYS A 471 9.06 -28.52 5.30
N ASP A 472 9.83 -28.00 6.25
CA ASP A 472 9.86 -28.55 7.60
C ASP A 472 8.74 -27.86 8.40
N ILE A 473 8.44 -26.60 8.04
CA ILE A 473 7.22 -25.91 8.48
C ILE A 473 6.04 -26.86 8.19
N THR A 474 5.66 -26.96 6.91
CA THR A 474 4.69 -27.98 6.41
C THR A 474 4.23 -27.66 4.98
N MET B 1 23.17 -8.46 -19.09
CA MET B 1 22.28 -8.83 -18.04
C MET B 1 20.86 -8.83 -18.56
N ARG B 2 19.97 -9.48 -17.86
CA ARG B 2 18.57 -9.44 -18.21
C ARG B 2 17.90 -8.20 -17.63
N ILE B 3 17.30 -7.37 -18.48
CA ILE B 3 16.48 -6.25 -18.02
C ILE B 3 15.16 -6.75 -17.40
N THR B 4 14.86 -6.33 -16.19
CA THR B 4 13.69 -6.90 -15.53
C THR B 4 12.53 -5.92 -15.36
N GLN B 5 12.45 -4.96 -16.29
CA GLN B 5 11.22 -4.21 -16.58
C GLN B 5 10.22 -5.24 -17.07
N GLY B 6 8.93 -5.07 -16.84
CA GLY B 6 7.93 -6.03 -17.31
C GLY B 6 7.34 -6.86 -16.18
N THR B 7 6.04 -7.14 -16.22
CA THR B 7 5.44 -8.02 -15.22
C THR B 7 6.08 -9.44 -15.12
N PHE B 8 6.72 -9.97 -16.16
CA PHE B 8 7.08 -11.40 -16.05
C PHE B 8 8.51 -11.64 -16.47
N SER B 9 9.34 -10.64 -16.25
CA SER B 9 10.73 -10.72 -16.71
C SER B 9 11.64 -11.56 -15.81
N PHE B 10 11.16 -12.01 -14.65
CA PHE B 10 11.91 -13.01 -13.86
C PHE B 10 11.52 -14.45 -14.31
N LEU B 11 10.51 -14.56 -15.18
CA LEU B 11 10.21 -15.84 -15.81
C LEU B 11 10.99 -15.94 -17.15
N PRO B 12 11.13 -17.17 -17.71
CA PRO B 12 11.69 -17.26 -19.04
C PRO B 12 10.85 -16.50 -20.08
N ASP B 13 11.46 -16.12 -21.18
CA ASP B 13 10.68 -15.50 -22.26
C ASP B 13 9.40 -16.32 -22.59
N LEU B 14 8.25 -15.65 -22.67
CA LEU B 14 6.95 -16.31 -22.88
C LEU B 14 6.80 -16.99 -24.24
N THR B 15 6.18 -18.17 -24.29
CA THR B 15 5.92 -18.79 -25.61
C THR B 15 4.74 -18.07 -26.20
N ASP B 16 4.45 -18.33 -27.46
CA ASP B 16 3.23 -17.76 -28.04
C ASP B 16 1.90 -18.18 -27.41
N GLU B 17 1.85 -19.41 -26.87
CA GLU B 17 0.66 -19.93 -26.15
C GLU B 17 0.44 -19.16 -24.85
N GLN B 18 1.51 -18.96 -24.11
CA GLN B 18 1.49 -18.03 -22.93
C GLN B 18 1.14 -16.62 -23.30
N ILE B 19 1.76 -16.11 -24.35
CA ILE B 19 1.36 -14.79 -24.74
C ILE B 19 -0.15 -14.70 -25.02
N LYS B 20 -0.67 -15.70 -25.73
CA LYS B 20 -2.08 -15.84 -26.03
C LYS B 20 -3.00 -15.83 -24.79
N LYS B 21 -2.63 -16.58 -23.76
CA LYS B 21 -3.41 -16.57 -22.59
C LYS B 21 -3.37 -15.19 -21.86
N GLN B 22 -2.26 -14.44 -22.00
CA GLN B 22 -2.19 -13.08 -21.40
C GLN B 22 -3.10 -12.09 -22.15
N ILE B 23 -3.18 -12.22 -23.50
CA ILE B 23 -4.18 -11.46 -24.23
C ILE B 23 -5.59 -11.80 -23.77
N ASP B 24 -5.83 -13.09 -23.49
CA ASP B 24 -7.19 -13.48 -23.09
C ASP B 24 -7.56 -12.79 -21.77
N TYR B 25 -6.60 -12.75 -20.85
CA TYR B 25 -6.74 -12.04 -19.61
C TYR B 25 -7.11 -10.60 -19.90
N MET B 26 -6.34 -9.96 -20.78
CA MET B 26 -6.58 -8.55 -21.02
C MET B 26 -7.96 -8.32 -21.61
N ILE B 27 -8.33 -9.21 -22.51
CA ILE B 27 -9.63 -9.12 -23.11
C ILE B 27 -10.73 -9.23 -22.06
N SER B 28 -10.59 -10.16 -21.13
CA SER B 28 -11.61 -10.39 -20.14
C SER B 28 -11.64 -9.19 -19.18
N LYS B 29 -10.54 -8.43 -19.08
CA LYS B 29 -10.47 -7.23 -18.23
C LYS B 29 -10.91 -5.98 -18.97
N LYS B 30 -11.28 -6.17 -20.23
CA LYS B 30 -11.68 -5.11 -21.09
C LYS B 30 -10.62 -3.99 -21.28
N LEU B 31 -9.40 -4.37 -21.57
CA LEU B 31 -8.33 -3.38 -21.67
C LEU B 31 -8.09 -3.00 -23.10
N ALA B 32 -7.67 -1.79 -23.39
CA ALA B 32 -7.00 -1.50 -24.64
C ALA B 32 -5.63 -2.22 -24.66
N ILE B 33 -5.17 -2.71 -25.82
CA ILE B 33 -4.00 -3.52 -25.86
C ILE B 33 -3.09 -2.84 -26.79
N GLY B 34 -1.91 -2.40 -26.31
CA GLY B 34 -0.91 -1.80 -27.20
C GLY B 34 0.39 -2.55 -27.31
N ILE B 35 1.09 -2.38 -28.43
CA ILE B 35 2.39 -2.96 -28.63
C ILE B 35 3.42 -1.82 -28.74
N GLU B 36 4.47 -1.82 -27.91
CA GLU B 36 5.49 -0.75 -27.96
C GLU B 36 6.90 -1.35 -28.03
N TYR B 37 7.83 -0.60 -28.60
CA TYR B 37 9.16 -1.09 -28.78
C TYR B 37 10.16 0.04 -28.57
N THR B 38 11.39 -0.36 -28.30
CA THR B 38 12.45 0.59 -28.04
C THR B 38 13.80 -0.08 -28.09
N ASN B 39 14.82 0.69 -28.44
CA ASN B 39 16.14 0.19 -28.15
C ASN B 39 16.91 1.23 -27.29
N ASP B 40 16.17 2.07 -26.54
CA ASP B 40 16.80 2.77 -25.36
C ASP B 40 16.16 2.26 -24.08
N ILE B 41 16.77 1.28 -23.47
CA ILE B 41 16.06 0.57 -22.40
C ILE B 41 16.19 1.27 -20.99
N HIS B 42 16.55 2.55 -20.98
CA HIS B 42 16.52 3.29 -19.71
C HIS B 42 15.20 3.08 -18.97
N PRO B 43 15.26 2.80 -17.65
CA PRO B 43 14.08 2.65 -16.85
C PRO B 43 13.19 3.90 -16.79
N ARG B 44 13.74 5.07 -17.08
CA ARG B 44 12.91 6.27 -17.06
C ARG B 44 12.51 6.63 -18.52
N ASN B 45 12.81 5.75 -19.51
CA ASN B 45 12.30 5.98 -20.88
C ASN B 45 10.85 5.58 -20.91
N SER B 46 9.97 6.50 -20.53
CA SER B 46 8.55 6.25 -20.38
C SER B 46 7.81 6.04 -21.69
N PHE B 47 8.29 6.65 -22.78
CA PHE B 47 7.60 6.59 -24.10
C PHE B 47 8.37 5.78 -25.11
N TRP B 48 8.09 4.47 -25.12
CA TRP B 48 8.58 3.60 -26.16
C TRP B 48 7.88 3.98 -27.45
N GLU B 49 8.42 3.57 -28.60
CA GLU B 49 7.67 3.72 -29.84
C GLU B 49 6.40 2.85 -29.90
N MET B 50 5.33 3.40 -30.43
CA MET B 50 4.10 2.64 -30.63
C MET B 50 4.20 1.82 -31.94
N TRP B 51 3.87 0.54 -31.89
CA TRP B 51 3.71 -0.25 -33.12
C TRP B 51 2.22 -0.22 -33.38
N GLY B 52 1.76 0.70 -34.24
CA GLY B 52 0.31 0.91 -34.46
C GLY B 52 -0.40 1.56 -33.28
N LEU B 53 -1.72 1.64 -33.34
CA LEU B 53 -2.45 2.24 -32.27
C LEU B 53 -2.74 1.13 -31.31
N PRO B 54 -3.13 1.45 -30.08
CA PRO B 54 -3.69 0.33 -29.31
C PRO B 54 -5.01 -0.20 -29.93
N LEU B 55 -5.29 -1.47 -29.75
CA LEU B 55 -6.50 -2.12 -30.18
C LEU B 55 -7.57 -2.05 -29.13
N PHE B 56 -8.77 -1.69 -29.51
CA PHE B 56 -9.82 -1.49 -28.54
C PHE B 56 -10.91 -2.49 -28.77
N GLU B 57 -11.71 -2.79 -27.75
CA GLU B 57 -12.83 -3.72 -27.91
C GLU B 57 -12.46 -5.02 -28.61
N VAL B 58 -11.29 -5.61 -28.34
CA VAL B 58 -10.91 -6.81 -29.09
C VAL B 58 -11.59 -8.01 -28.44
N THR B 59 -11.84 -9.05 -29.23
CA THR B 59 -12.56 -10.22 -28.75
C THR B 59 -11.83 -11.52 -29.13
N ASP B 60 -10.76 -11.42 -29.88
CA ASP B 60 -10.03 -12.62 -30.21
C ASP B 60 -8.53 -12.27 -30.25
N PRO B 61 -7.70 -13.09 -29.60
CA PRO B 61 -6.27 -12.87 -29.49
C PRO B 61 -5.50 -12.86 -30.82
N ALA B 62 -6.02 -13.55 -31.83
CA ALA B 62 -5.36 -13.75 -33.13
C ALA B 62 -4.69 -12.50 -33.74
N PRO B 63 -5.46 -11.44 -33.95
CA PRO B 63 -4.95 -10.17 -34.53
C PRO B 63 -3.92 -9.45 -33.68
N VAL B 64 -3.99 -9.58 -32.36
CA VAL B 64 -2.97 -9.03 -31.47
C VAL B 64 -1.67 -9.80 -31.67
N LEU B 65 -1.77 -11.12 -31.58
CA LEU B 65 -0.68 -12.05 -31.83
C LEU B 65 -0.08 -11.81 -33.21
N PHE B 66 -0.92 -11.59 -34.20
CA PHE B 66 -0.36 -11.33 -35.51
C PHE B 66 0.51 -10.06 -35.56
N GLU B 67 0.05 -8.97 -34.96
CA GLU B 67 0.88 -7.74 -34.89
C GLU B 67 2.12 -7.90 -34.02
N ILE B 68 2.01 -8.66 -32.94
CA ILE B 68 3.18 -8.89 -32.15
C ILE B 68 4.25 -9.52 -33.00
N ASN B 69 3.85 -10.47 -33.85
CA ASN B 69 4.86 -11.17 -34.65
C ASN B 69 5.36 -10.33 -35.78
N ALA B 70 4.51 -9.48 -36.32
CA ALA B 70 5.00 -8.56 -37.35
C ALA B 70 5.97 -7.48 -36.79
N CYS B 71 5.71 -7.03 -35.54
CA CYS B 71 6.64 -6.14 -34.86
C CYS B 71 7.95 -6.86 -34.65
N ARG B 72 7.85 -8.12 -34.22
CA ARG B 72 9.07 -8.93 -33.99
C ARG B 72 9.86 -9.11 -35.30
N LYS B 73 9.17 -9.27 -36.41
CA LYS B 73 9.88 -9.37 -37.65
C LYS B 73 10.57 -8.02 -38.04
N ALA B 74 9.88 -6.90 -37.82
CA ALA B 74 10.40 -5.60 -38.25
C ALA B 74 11.48 -5.05 -37.31
N LYS B 75 11.39 -5.40 -36.04
CA LYS B 75 12.20 -4.79 -34.97
C LYS B 75 12.82 -5.94 -34.15
N SER B 76 13.52 -6.87 -34.81
CA SER B 76 13.87 -8.11 -34.06
C SER B 76 14.87 -7.87 -32.98
N ASN B 77 15.69 -6.82 -33.13
CA ASN B 77 16.70 -6.46 -32.13
C ASN B 77 16.30 -5.21 -31.33
N PHE B 78 15.03 -5.17 -31.00
CA PHE B 78 14.49 -4.17 -30.13
C PHE B 78 13.82 -4.89 -28.96
N TYR B 79 13.64 -4.17 -27.85
CA TYR B 79 12.72 -4.64 -26.84
C TYR B 79 11.34 -4.36 -27.35
N ILE B 80 10.42 -5.28 -27.10
CA ILE B 80 9.04 -5.10 -27.49
C ILE B 80 8.22 -5.54 -26.33
N LYS B 81 7.19 -4.78 -26.04
CA LYS B 81 6.35 -5.13 -24.95
C LYS B 81 4.90 -4.96 -25.34
N VAL B 82 4.07 -5.54 -24.50
CA VAL B 82 2.64 -5.46 -24.70
C VAL B 82 2.05 -4.76 -23.49
N VAL B 83 1.14 -3.81 -23.70
CA VAL B 83 0.69 -3.05 -22.60
C VAL B 83 -0.84 -3.09 -22.58
N GLY B 84 -1.44 -3.24 -21.41
CA GLY B 84 -2.87 -3.28 -21.31
C GLY B 84 -3.36 -2.11 -20.46
N PHE B 85 -4.11 -1.23 -21.10
CA PHE B 85 -4.60 0.03 -20.51
C PHE B 85 -6.05 -0.17 -20.04
N SER B 86 -6.31 0.28 -18.81
CA SER B 86 -7.66 0.25 -18.22
C SER B 86 -8.31 1.61 -18.30
N SER B 87 -9.62 1.67 -18.50
CA SER B 87 -10.28 2.99 -18.58
C SER B 87 -11.29 3.08 -17.47
N GLU B 88 -11.16 2.18 -16.52
CA GLU B 88 -12.01 2.17 -15.34
C GLU B 88 -11.75 3.41 -14.51
N ARG B 89 -12.82 4.10 -14.10
CA ARG B 89 -12.70 5.37 -13.36
C ARG B 89 -11.82 5.17 -12.16
N GLY B 90 -10.85 6.07 -11.95
CA GLY B 90 -9.93 5.95 -10.77
C GLY B 90 -8.74 5.01 -10.97
N ILE B 91 -8.67 4.40 -12.13
CA ILE B 91 -7.46 3.71 -12.57
C ILE B 91 -6.90 4.46 -13.75
N GLU B 92 -7.63 4.39 -14.86
CA GLU B 92 -7.25 5.11 -16.11
C GLU B 92 -5.75 5.15 -16.40
N SER B 93 -5.19 3.96 -16.59
CA SER B 93 -3.75 3.73 -16.61
C SER B 93 -3.46 2.29 -16.99
N THR B 94 -2.19 2.04 -17.32
CA THR B 94 -1.66 0.70 -17.56
C THR B 94 -1.89 -0.14 -16.31
N ILE B 95 -2.27 -1.39 -16.52
CA ILE B 95 -2.39 -2.32 -15.44
C ILE B 95 -1.65 -3.61 -15.72
N ILE B 96 -1.00 -3.71 -16.87
CA ILE B 96 -0.10 -4.81 -17.08
C ILE B 96 0.80 -4.40 -18.24
N SER B 97 2.04 -4.86 -18.22
CA SER B 97 3.01 -4.47 -19.21
C SER B 97 4.10 -5.54 -19.17
N PHE B 98 4.29 -6.26 -20.29
CA PHE B 98 5.24 -7.37 -20.26
C PHE B 98 6.01 -7.53 -21.56
N ILE B 99 7.22 -8.03 -21.41
CA ILE B 99 8.15 -8.10 -22.52
C ILE B 99 7.82 -9.35 -23.40
N VAL B 100 7.77 -9.15 -24.73
CA VAL B 100 7.61 -10.25 -25.67
C VAL B 100 8.77 -10.41 -26.73
N ASN B 101 9.79 -9.55 -26.69
CA ASN B 101 11.04 -9.65 -27.48
C ASN B 101 12.13 -8.90 -26.74
N ARG B 102 13.30 -9.54 -26.65
CA ARG B 102 14.54 -8.91 -26.16
C ARG B 102 15.59 -9.07 -27.19
N PRO B 103 16.54 -8.16 -27.27
CA PRO B 103 17.73 -8.36 -28.09
C PRO B 103 18.50 -9.59 -27.71
N LYS B 104 19.25 -10.13 -28.67
CA LYS B 104 20.09 -11.31 -28.41
C LYS B 104 20.95 -11.16 -27.14
N HIS B 105 21.63 -10.02 -27.03
CA HIS B 105 22.54 -9.74 -25.91
C HIS B 105 22.27 -8.34 -25.32
N GLU B 106 22.14 -8.25 -24.00
CA GLU B 106 22.06 -6.98 -23.27
C GLU B 106 23.35 -6.54 -22.52
N PRO B 107 24.03 -5.51 -22.99
CA PRO B 107 25.31 -5.11 -22.33
C PRO B 107 25.08 -4.30 -21.09
N GLY B 108 23.92 -3.65 -20.95
CA GLY B 108 23.49 -3.08 -19.68
C GLY B 108 23.75 -1.58 -19.62
N PHE B 109 24.07 -1.05 -18.42
CA PHE B 109 24.23 0.37 -18.19
C PHE B 109 25.58 0.82 -17.62
N ASN B 110 26.02 2.00 -18.08
CA ASN B 110 27.08 2.73 -17.42
C ASN B 110 26.50 3.58 -16.30
N LEU B 111 27.24 3.68 -15.21
CA LEU B 111 26.83 4.48 -14.03
C LEU B 111 27.76 5.67 -13.90
N ILE B 112 27.22 6.89 -13.87
CA ILE B 112 28.05 8.07 -13.91
C ILE B 112 27.89 8.69 -12.54
N ARG B 113 29.00 9.14 -11.95
CA ARG B 113 28.97 9.75 -10.64
C ARG B 113 29.56 11.15 -10.75
N GLN B 114 28.70 12.17 -10.70
CA GLN B 114 29.21 13.50 -10.70
C GLN B 114 29.23 13.96 -9.24
N GLU B 115 30.38 14.43 -8.80
CA GLU B 115 30.58 14.72 -7.38
C GLU B 115 30.05 16.08 -7.15
N ASP B 116 29.24 16.22 -6.10
CA ASP B 116 28.61 17.47 -5.83
C ASP B 116 28.96 18.02 -4.43
N LYS B 117 28.01 18.65 -3.77
CA LYS B 117 28.35 19.30 -2.52
C LYS B 117 28.63 18.24 -1.44
N SER B 118 29.67 18.51 -0.62
CA SER B 118 30.17 17.56 0.39
C SER B 118 30.42 16.20 -0.20
N ARG B 119 29.71 15.21 0.32
CA ARG B 119 29.84 13.81 -0.10
C ARG B 119 28.76 13.39 -1.10
N SER B 120 27.85 14.29 -1.45
CA SER B 120 26.75 13.88 -2.31
C SER B 120 27.24 13.68 -3.73
N ILE B 121 26.50 12.87 -4.45
CA ILE B 121 26.81 12.52 -5.82
C ILE B 121 25.53 12.66 -6.63
N LYS B 122 25.61 13.26 -7.81
CA LYS B 122 24.46 13.23 -8.74
C LYS B 122 24.70 12.03 -9.70
N TYR B 123 23.73 11.12 -9.80
CA TYR B 123 23.87 9.88 -10.57
C TYR B 123 23.16 9.90 -11.95
N SER B 124 23.78 9.27 -12.95
CA SER B 124 23.05 9.02 -14.19
C SER B 124 23.32 7.60 -14.58
N ILE B 125 22.37 6.91 -15.20
CA ILE B 125 22.69 5.66 -15.85
C ILE B 125 22.48 5.88 -17.35
N GLN B 126 23.33 5.25 -18.17
CA GLN B 126 23.27 5.43 -19.59
C GLN B 126 23.42 4.05 -20.21
N ALA B 127 22.40 3.61 -20.95
CA ALA B 127 22.42 2.29 -21.51
C ALA B 127 23.56 2.28 -22.53
N TYR B 128 24.43 1.28 -22.46
CA TYR B 128 25.59 1.25 -23.36
C TYR B 128 25.21 1.30 -24.83
N GLU B 129 24.10 0.70 -25.22
CA GLU B 129 23.89 0.69 -26.67
C GLU B 129 23.47 2.11 -27.06
N THR B 130 23.05 2.93 -26.09
CA THR B 130 22.67 4.31 -26.50
C THR B 130 23.88 5.20 -26.76
N TYR B 131 25.07 4.68 -26.52
CA TYR B 131 26.23 5.47 -26.93
C TYR B 131 26.33 5.45 -28.42
N LYS B 132 25.53 4.63 -29.08
CA LYS B 132 25.52 4.57 -30.57
C LYS B 132 24.19 4.98 -31.14
N PRO B 133 24.20 5.31 -32.44
CA PRO B 133 22.92 5.62 -33.09
C PRO B 133 22.05 4.39 -33.12
N GLU B 134 20.75 4.63 -33.23
CA GLU B 134 19.71 3.62 -33.10
C GLU B 134 19.85 2.52 -34.08
N ASP B 135 20.17 2.85 -35.32
CA ASP B 135 20.33 1.78 -36.30
C ASP B 135 21.62 0.95 -36.12
N GLN B 136 22.45 1.22 -35.09
CA GLN B 136 23.60 0.40 -34.85
C GLN B 136 23.51 -0.35 -33.55
N ARG B 137 22.35 -0.32 -32.91
CA ARG B 137 22.26 -0.94 -31.59
C ARG B 137 21.87 -2.40 -31.66
N TYR B 138 22.37 -3.17 -30.70
CA TYR B 138 22.05 -4.57 -30.62
C TYR B 138 22.21 -5.28 -31.96
#